data_3Q9N
#
_entry.id   3Q9N
#
_cell.length_a   53.122
_cell.length_b   56.556
_cell.length_c   56.977
_cell.angle_alpha   89.78
_cell.angle_beta   112.42
_cell.angle_gamma   90.03
#
_symmetry.space_group_name_H-M   'P 1'
#
loop_
_entity.id
_entity.type
_entity.pdbx_description
1 polymer 'CoA binding protein'
2 polymer 'consensus ankyrin repeat'
3 non-polymer 'CARBAMOYL SARCOSINE'
4 non-polymer 'COENZYME A'
5 water water
#
loop_
_entity_poly.entity_id
_entity_poly.type
_entity_poly.pdbx_seq_one_letter_code
_entity_poly.pdbx_strand_id
1 'polypeptide(L)'
;ATRPIDGLTDEDIREILTRYKKIALVGASPKPERDANIVMKYLLEHGYDVYPVNPNYEEVLGRKCYPSVLDIPDKVEVVD
LFVNPAKAWRFVVYAIKKGAKVVWFQYNTYYPLAARQAKEAGPIIVANRCMMREHERLLGE
;
A,B
2 'polypeptide(L)'
;AFGQDLGKKLLEAAAAGQDDEVRILMANGADVNATDDNGLTPLHLAAANGQLEIVEVLLKNGADVNASDSAGITPLHLAA
YDGHLEIVEVLLKHGADVNAYDRAGWTPLHLAALSGQLEIVEVLLKHGADVNAQDALGLTAFDISINQGQEDLAEILQ
;
C,D
#
loop_
_chem_comp.id
_chem_comp.type
_chem_comp.name
_chem_comp.formula
CMS non-polymer 'CARBAMOYL SARCOSINE' 'C4 H8 N2 O3'
COA non-polymer 'COENZYME A' 'C21 H36 N7 O16 P3 S'
#
# COMPACT_ATOMS: atom_id res chain seq x y z
N ALA A 1 -30.40 3.46 21.39
CA ALA A 1 -29.13 3.62 20.70
C ALA A 1 -28.13 2.52 21.07
N THR A 2 -28.31 1.89 22.23
CA THR A 2 -27.67 0.59 22.46
C THR A 2 -28.71 -0.49 22.20
N ARG A 3 -29.82 -0.11 21.57
CA ARG A 3 -30.83 -1.08 21.16
C ARG A 3 -30.21 -2.14 20.23
N PRO A 4 -30.33 -3.43 20.60
CA PRO A 4 -29.82 -4.48 19.71
C PRO A 4 -30.48 -4.45 18.34
N ILE A 5 -29.70 -4.73 17.30
CA ILE A 5 -30.20 -4.86 15.93
C ILE A 5 -30.67 -6.29 15.69
N ASP A 6 -30.07 -7.23 16.42
CA ASP A 6 -30.46 -8.64 16.30
C ASP A 6 -31.72 -8.91 17.12
N GLY A 7 -32.34 -10.06 16.89
CA GLY A 7 -33.55 -10.41 17.62
C GLY A 7 -33.35 -11.44 18.71
N LEU A 8 -32.10 -11.65 19.11
CA LEU A 8 -31.76 -12.66 20.10
C LEU A 8 -32.27 -12.34 21.52
N THR A 9 -32.41 -13.39 22.32
CA THR A 9 -32.91 -13.23 23.67
C THR A 9 -31.75 -13.22 24.65
N ASP A 10 -32.04 -12.85 25.90
CA ASP A 10 -31.03 -12.87 26.96
C ASP A 10 -30.39 -14.23 27.10
N GLU A 11 -31.19 -15.26 26.85
CA GLU A 11 -30.74 -16.63 27.03
C GLU A 11 -29.83 -17.04 25.88
N ASP A 12 -30.11 -16.53 24.69
CA ASP A 12 -29.24 -16.72 23.54
C ASP A 12 -27.89 -16.09 23.87
N ILE A 13 -27.91 -14.85 24.36
CA ILE A 13 -26.65 -14.15 24.67
C ILE A 13 -25.90 -14.84 25.81
N ARG A 14 -26.63 -15.25 26.83
CA ARG A 14 -26.02 -15.95 27.96
C ARG A 14 -25.32 -17.23 27.49
N GLU A 15 -25.98 -18.00 26.63
CA GLU A 15 -25.40 -19.21 26.07
C GLU A 15 -24.10 -18.87 25.33
N ILE A 16 -24.14 -17.83 24.49
CA ILE A 16 -22.96 -17.42 23.74
C ILE A 16 -21.76 -17.07 24.65
N LEU A 17 -22.03 -16.33 25.70
CA LEU A 17 -20.96 -15.85 26.60
C LEU A 17 -20.41 -16.97 27.49
N THR A 18 -21.22 -18.01 27.71
CA THR A 18 -20.81 -19.06 28.62
C THR A 18 -20.29 -20.30 27.88
N ARG A 19 -20.91 -20.62 26.75
CA ARG A 19 -20.50 -21.75 25.93
C ARG A 19 -19.16 -21.53 25.25
N TYR A 20 -18.92 -20.33 24.76
CA TYR A 20 -17.73 -20.05 23.97
C TYR A 20 -16.69 -19.22 24.74
N LYS A 21 -15.44 -19.65 24.70
CA LYS A 21 -14.37 -18.93 25.37
C LYS A 21 -13.34 -18.33 24.42
N LYS A 22 -13.36 -18.75 23.15
CA LYS A 22 -12.28 -18.40 22.21
C LYS A 22 -12.71 -17.32 21.26
N ILE A 23 -12.18 -16.13 21.48
CA ILE A 23 -12.66 -14.93 20.82
C ILE A 23 -11.57 -14.29 20.00
N ALA A 24 -11.81 -14.16 18.70
CA ALA A 24 -10.95 -13.35 17.85
C ALA A 24 -11.41 -11.89 17.97
N LEU A 25 -10.53 -10.99 18.40
CA LEU A 25 -10.90 -9.59 18.54
C LEU A 25 -10.31 -8.68 17.46
N VAL A 26 -11.18 -8.29 16.52
CA VAL A 26 -10.77 -7.62 15.29
C VAL A 26 -10.76 -6.11 15.51
N GLY A 27 -9.65 -5.47 15.20
CA GLY A 27 -9.47 -4.05 15.48
C GLY A 27 -8.86 -3.84 16.86
N ALA A 28 -8.29 -4.91 17.43
CA ALA A 28 -7.54 -4.77 18.68
C ALA A 28 -6.51 -3.66 18.54
N SER A 29 -6.31 -2.91 19.62
CA SER A 29 -5.41 -1.78 19.60
C SER A 29 -4.85 -1.49 20.98
N PRO A 30 -3.60 -1.01 21.04
CA PRO A 30 -2.99 -0.55 22.30
C PRO A 30 -3.51 0.80 22.76
N LYS A 31 -4.14 1.57 21.86
CA LYS A 31 -4.62 2.90 22.20
C LYS A 31 -5.72 2.86 23.25
N PRO A 32 -5.59 3.66 24.33
CA PRO A 32 -6.61 3.75 25.38
C PRO A 32 -7.92 4.34 24.84
N GLU A 33 -7.83 5.15 23.80
CA GLU A 33 -9.03 5.76 23.23
C GLU A 33 -9.80 4.83 22.28
N ARG A 34 -9.30 3.63 22.04
CA ARG A 34 -10.10 2.64 21.31
C ARG A 34 -10.82 1.75 22.33
N ASP A 35 -12.14 1.64 22.22
CA ASP A 35 -12.91 0.75 23.08
C ASP A 35 -12.47 -0.71 22.95
N ALA A 36 -11.88 -1.06 21.81
CA ALA A 36 -11.34 -2.40 21.62
C ALA A 36 -10.35 -2.73 22.73
N ASN A 37 -9.64 -1.70 23.18
CA ASN A 37 -8.63 -1.84 24.21
C ASN A 37 -9.24 -2.14 25.60
N ILE A 38 -10.16 -1.30 26.05
CA ILE A 38 -10.83 -1.56 27.33
C ILE A 38 -11.64 -2.88 27.34
N VAL A 39 -12.33 -3.19 26.24
CA VAL A 39 -13.05 -4.48 26.15
C VAL A 39 -12.11 -5.70 26.18
N MET A 40 -11.02 -5.67 25.43
CA MET A 40 -10.08 -6.79 25.44
C MET A 40 -9.49 -7.02 26.83
N LYS A 41 -9.23 -5.94 27.56
CA LYS A 41 -8.72 -6.06 28.92
C LYS A 41 -9.76 -6.74 29.82
N TYR A 42 -11.02 -6.31 29.69
CA TYR A 42 -12.11 -6.88 30.47
C TYR A 42 -12.31 -8.37 30.18
N LEU A 43 -12.25 -8.75 28.91
CA LEU A 43 -12.39 -10.16 28.54
C LEU A 43 -11.25 -11.05 29.06
N LEU A 44 -10.01 -10.57 28.93
CA LEU A 44 -8.89 -11.30 29.49
C LEU A 44 -9.04 -11.46 31.01
N GLU A 45 -9.55 -10.43 31.65
CA GLU A 45 -9.72 -10.39 33.11
C GLU A 45 -10.87 -11.31 33.58
N HIS A 46 -11.73 -11.71 32.67
CA HIS A 46 -12.84 -12.60 33.00
C HIS A 46 -12.80 -13.97 32.32
N GLY A 47 -11.60 -14.48 32.13
CA GLY A 47 -11.45 -15.88 31.74
C GLY A 47 -11.52 -16.26 30.28
N TYR A 48 -11.62 -15.27 29.38
CA TYR A 48 -11.66 -15.54 27.96
C TYR A 48 -10.27 -15.67 27.31
N ASP A 49 -10.16 -16.48 26.27
CA ASP A 49 -8.97 -16.53 25.44
C ASP A 49 -9.19 -15.49 24.35
N VAL A 50 -8.37 -14.45 24.29
CA VAL A 50 -8.53 -13.45 23.24
C VAL A 50 -7.35 -13.39 22.28
N TYR A 51 -7.64 -13.52 20.99
CA TYR A 51 -6.62 -13.46 19.94
C TYR A 51 -6.83 -12.17 19.17
N PRO A 52 -5.98 -11.17 19.41
CA PRO A 52 -6.12 -9.88 18.73
C PRO A 52 -5.83 -10.00 17.23
N VAL A 53 -6.63 -9.32 16.43
CA VAL A 53 -6.46 -9.23 14.97
C VAL A 53 -6.35 -7.77 14.55
N ASN A 54 -5.21 -7.42 13.96
CA ASN A 54 -4.93 -6.07 13.43
C ASN A 54 -3.60 -6.15 12.72
N PRO A 55 -3.58 -5.94 11.39
CA PRO A 55 -2.33 -6.06 10.64
C PRO A 55 -1.34 -4.96 11.00
N ASN A 56 -1.75 -3.99 11.80
CA ASN A 56 -0.88 -2.89 12.17
C ASN A 56 -0.09 -3.14 13.45
N TYR A 57 -0.35 -4.26 14.13
CA TYR A 57 0.44 -4.58 15.32
C TYR A 57 0.82 -6.05 15.36
N GLU A 58 1.98 -6.32 15.95
CA GLU A 58 2.49 -7.68 16.11
C GLU A 58 2.01 -8.27 17.44
N GLU A 59 1.63 -7.38 18.34
CA GLU A 59 1.27 -7.79 19.68
C GLU A 59 0.34 -6.74 20.25
N VAL A 60 -0.68 -7.18 20.97
CA VAL A 60 -1.55 -6.26 21.68
C VAL A 60 -1.83 -6.80 23.07
N LEU A 61 -1.70 -5.93 24.08
CA LEU A 61 -1.93 -6.31 25.47
C LEU A 61 -1.25 -7.62 25.80
N GLY A 62 -0.01 -7.78 25.33
CA GLY A 62 0.78 -8.97 25.61
C GLY A 62 0.37 -10.29 24.95
N ARG A 63 -0.44 -10.23 23.90
CA ARG A 63 -0.79 -11.43 23.12
C ARG A 63 -0.41 -11.23 21.67
N LYS A 64 0.05 -12.30 21.01
CA LYS A 64 0.40 -12.21 19.60
C LYS A 64 -0.81 -11.71 18.79
N CYS A 65 -0.57 -10.72 17.93
CA CYS A 65 -1.62 -10.13 17.10
C CYS A 65 -1.44 -10.52 15.63
N TYR A 66 -2.51 -11.03 15.03
CA TYR A 66 -2.49 -11.56 13.67
C TYR A 66 -3.12 -10.60 12.66
N PRO A 67 -2.66 -10.67 11.40
CA PRO A 67 -3.17 -9.79 10.33
C PRO A 67 -4.61 -10.07 9.91
N SER A 68 -5.08 -11.30 10.10
CA SER A 68 -6.45 -11.67 9.74
C SER A 68 -6.93 -12.79 10.65
N VAL A 69 -8.22 -13.09 10.57
CA VAL A 69 -8.81 -14.17 11.37
C VAL A 69 -8.28 -15.54 10.94
N LEU A 70 -8.12 -15.75 9.64
CA LEU A 70 -7.61 -17.01 9.13
C LEU A 70 -6.19 -17.32 9.62
N ASP A 71 -5.41 -16.27 9.86
CA ASP A 71 -4.03 -16.44 10.33
C ASP A 71 -3.93 -16.94 11.76
N ILE A 72 -5.01 -16.87 12.53
CA ILE A 72 -4.97 -17.34 13.92
C ILE A 72 -4.88 -18.85 13.93
N PRO A 73 -3.87 -19.41 14.62
CA PRO A 73 -3.73 -20.87 14.61
C PRO A 73 -4.74 -21.56 15.52
N ASP A 74 -5.09 -20.89 16.61
CA ASP A 74 -6.03 -21.43 17.59
C ASP A 74 -7.42 -21.63 17.01
N LYS A 75 -8.19 -22.52 17.63
CA LYS A 75 -9.62 -22.60 17.34
C LYS A 75 -10.26 -21.23 17.65
N VAL A 76 -11.15 -20.77 16.79
CA VAL A 76 -11.88 -19.53 17.05
C VAL A 76 -13.40 -19.78 17.11
N GLU A 77 -14.05 -19.43 18.23
CA GLU A 77 -15.50 -19.62 18.35
C GLU A 77 -16.34 -18.37 18.07
N VAL A 78 -15.82 -17.22 18.50
CA VAL A 78 -16.53 -15.95 18.34
C VAL A 78 -15.61 -14.89 17.71
N VAL A 79 -16.16 -14.12 16.76
CA VAL A 79 -15.42 -13.02 16.14
C VAL A 79 -16.05 -11.70 16.57
N ASP A 80 -15.31 -10.91 17.34
CA ASP A 80 -15.79 -9.71 18.00
C ASP A 80 -15.19 -8.55 17.22
N LEU A 81 -16.06 -7.72 16.64
CA LEU A 81 -15.67 -6.74 15.62
C LEU A 81 -15.68 -5.30 16.13
N PHE A 82 -14.51 -4.66 16.04
CA PHE A 82 -14.33 -3.26 16.37
C PHE A 82 -13.77 -2.50 15.13
N VAL A 83 -14.40 -2.66 13.99
CA VAL A 83 -14.00 -1.90 12.79
C VAL A 83 -15.22 -1.26 12.15
N ASN A 84 -14.96 -0.17 11.41
CA ASN A 84 -15.93 0.62 10.67
C ASN A 84 -17.03 -0.20 9.98
N PRO A 85 -18.27 0.31 9.96
CA PRO A 85 -19.39 -0.36 9.30
C PRO A 85 -19.13 -0.60 7.81
N ALA A 86 -18.29 0.23 7.19
CA ALA A 86 -17.90 -0.01 5.80
C ALA A 86 -17.07 -1.30 5.63
N LYS A 87 -16.55 -1.83 6.74
CA LYS A 87 -15.52 -2.87 6.72
C LYS A 87 -15.95 -4.16 7.44
N ALA A 88 -16.67 -4.00 8.54
CA ALA A 88 -16.92 -5.12 9.45
C ALA A 88 -17.69 -6.27 8.82
N TRP A 89 -18.67 -5.95 7.96
CA TRP A 89 -19.51 -7.00 7.36
C TRP A 89 -18.74 -8.08 6.61
N ARG A 90 -17.55 -7.74 6.11
CA ARG A 90 -16.73 -8.65 5.32
C ARG A 90 -16.19 -9.80 6.15
N PHE A 91 -16.25 -9.65 7.48
CA PHE A 91 -15.73 -10.71 8.37
C PHE A 91 -16.68 -11.89 8.59
N VAL A 92 -17.94 -11.77 8.18
CA VAL A 92 -18.85 -12.92 8.24
C VAL A 92 -18.33 -14.10 7.42
N VAL A 93 -17.99 -13.84 6.15
CA VAL A 93 -17.43 -14.87 5.32
C VAL A 93 -16.09 -15.37 5.87
N TYR A 94 -15.26 -14.47 6.40
CA TYR A 94 -14.00 -14.92 6.96
C TYR A 94 -14.25 -15.81 8.17
N ALA A 95 -15.30 -15.50 8.93
CA ALA A 95 -15.62 -16.28 10.14
C ALA A 95 -16.15 -17.65 9.75
N ILE A 96 -16.94 -17.67 8.68
CA ILE A 96 -17.50 -18.91 8.16
C ILE A 96 -16.38 -19.86 7.74
N LYS A 97 -15.40 -19.33 7.02
CA LYS A 97 -14.26 -20.15 6.60
C LYS A 97 -13.43 -20.68 7.79
N LYS A 98 -13.36 -19.91 8.88
CA LYS A 98 -12.59 -20.29 10.07
C LYS A 98 -13.35 -21.29 10.92
N GLY A 99 -14.65 -21.42 10.69
CA GLY A 99 -15.46 -22.33 11.48
C GLY A 99 -15.99 -21.71 12.77
N ALA A 100 -15.95 -20.39 12.84
CA ALA A 100 -16.51 -19.67 13.98
C ALA A 100 -18.02 -19.91 14.10
N LYS A 101 -18.52 -19.89 15.33
CA LYS A 101 -19.94 -20.08 15.61
C LYS A 101 -20.73 -18.76 15.67
N VAL A 102 -20.06 -17.67 16.04
CA VAL A 102 -20.74 -16.40 16.29
C VAL A 102 -19.96 -15.24 15.70
N VAL A 103 -20.66 -14.26 15.12
CA VAL A 103 -20.04 -12.99 14.73
C VAL A 103 -20.76 -11.89 15.48
N TRP A 104 -19.98 -11.10 16.23
CA TRP A 104 -20.51 -10.09 17.14
C TRP A 104 -20.12 -8.68 16.70
N PHE A 105 -21.12 -7.90 16.27
CA PHE A 105 -20.89 -6.52 15.86
C PHE A 105 -21.10 -5.54 17.02
N GLN A 106 -20.03 -4.83 17.39
CA GLN A 106 -20.07 -3.86 18.47
C GLN A 106 -20.77 -2.60 17.97
N TYR A 107 -20.93 -1.60 18.83
CA TYR A 107 -21.66 -0.37 18.46
C TYR A 107 -21.06 0.30 17.24
N ASN A 108 -21.94 0.73 16.33
CA ASN A 108 -21.53 1.43 15.13
C ASN A 108 -20.57 0.61 14.24
N THR A 109 -20.84 -0.68 14.06
CA THR A 109 -20.00 -1.51 13.19
C THR A 109 -20.83 -2.30 12.18
N TYR A 110 -22.13 -2.41 12.40
CA TYR A 110 -22.96 -3.27 11.55
C TYR A 110 -23.36 -2.61 10.21
N TYR A 111 -23.42 -3.41 9.14
CA TYR A 111 -24.00 -3.03 7.84
C TYR A 111 -24.74 -4.28 7.31
N PRO A 112 -25.92 -4.08 6.71
CA PRO A 112 -26.84 -5.21 6.43
C PRO A 112 -26.31 -6.28 5.48
N LEU A 113 -25.26 -6.00 4.72
CA LEU A 113 -24.66 -7.06 3.91
C LEU A 113 -24.21 -8.21 4.79
N ALA A 114 -24.01 -7.96 6.09
CA ALA A 114 -23.66 -9.02 7.02
C ALA A 114 -24.76 -10.11 7.07
N ALA A 115 -26.00 -9.69 6.94
CA ALA A 115 -27.13 -10.61 6.96
C ALA A 115 -27.11 -11.53 5.74
N ARG A 116 -27.01 -10.94 4.56
CA ARG A 116 -27.01 -11.70 3.31
C ARG A 116 -25.96 -12.80 3.30
N GLN A 117 -24.75 -12.48 3.77
CA GLN A 117 -23.66 -13.47 3.80
C GLN A 117 -23.89 -14.56 4.86
N ALA A 118 -24.66 -14.25 5.89
CA ALA A 118 -25.04 -15.24 6.87
C ALA A 118 -26.14 -16.14 6.30
N GLY A 122 -24.45 -22.25 10.86
CA GLY A 122 -24.28 -20.94 11.47
C GLY A 122 -24.15 -19.83 10.44
N PRO A 123 -23.53 -18.70 10.81
CA PRO A 123 -23.13 -18.33 12.17
C PRO A 123 -24.17 -17.38 12.76
N ILE A 124 -24.36 -17.44 14.07
CA ILE A 124 -25.21 -16.50 14.78
C ILE A 124 -24.64 -15.08 14.68
N ILE A 125 -25.48 -14.10 14.36
CA ILE A 125 -25.05 -12.70 14.29
C ILE A 125 -25.59 -11.92 15.49
N VAL A 126 -24.71 -11.38 16.32
CA VAL A 126 -25.10 -10.45 17.39
C VAL A 126 -24.79 -9.06 16.85
N ALA A 127 -25.73 -8.12 16.98
CA ALA A 127 -25.54 -6.82 16.34
C ALA A 127 -25.96 -5.63 17.22
N ASN A 128 -25.08 -4.65 17.26
CA ASN A 128 -25.21 -3.46 18.11
C ASN A 128 -25.29 -3.78 19.60
N ARG A 129 -24.34 -4.59 20.08
CA ARG A 129 -24.20 -4.91 21.50
C ARG A 129 -22.73 -4.89 21.83
N CYS A 130 -22.43 -4.78 23.11
CA CYS A 130 -21.06 -4.86 23.57
C CYS A 130 -20.80 -6.12 24.43
N MET A 131 -19.76 -6.86 24.12
CA MET A 131 -19.46 -8.08 24.89
C MET A 131 -19.23 -7.80 26.38
N MET A 132 -18.52 -6.73 26.70
CA MET A 132 -18.27 -6.38 28.11
C MET A 132 -19.54 -5.96 28.82
N ARG A 133 -20.33 -5.10 28.19
CA ARG A 133 -21.59 -4.63 28.77
C ARG A 133 -22.62 -5.75 28.92
N GLU A 134 -22.71 -6.67 27.94
CA GLU A 134 -23.60 -7.82 28.08
C GLU A 134 -23.16 -8.76 29.20
N HIS A 135 -21.86 -8.97 29.31
CA HIS A 135 -21.30 -9.81 30.34
C HIS A 135 -21.58 -9.21 31.73
N GLU A 136 -21.35 -7.91 31.87
CA GLU A 136 -21.69 -7.22 33.11
C GLU A 136 -23.17 -7.40 33.45
N ARG A 137 -24.05 -7.21 32.46
CA ARG A 137 -25.48 -7.26 32.70
C ARG A 137 -25.95 -8.65 33.12
N LEU A 138 -25.46 -9.67 32.44
CA LEU A 138 -25.97 -11.03 32.62
C LEU A 138 -25.18 -11.88 33.60
N LEU A 139 -23.86 -11.67 33.67
CA LEU A 139 -22.99 -12.52 34.47
C LEU A 139 -22.25 -11.77 35.57
N GLY A 140 -22.45 -10.46 35.67
CA GLY A 140 -21.72 -9.66 36.64
C GLY A 140 -22.08 -10.00 38.08
N GLU A 141 -21.25 -9.57 39.01
CA GLU A 141 -21.48 -9.82 40.44
C GLU A 141 -22.80 -9.22 40.95
N ALA B 1 21.24 7.67 4.95
CA ALA B 1 20.59 6.84 3.93
C ALA B 1 19.87 7.66 2.87
N THR B 2 19.47 8.89 3.20
CA THR B 2 19.18 9.88 2.17
C THR B 2 20.42 10.74 1.87
N ARG B 3 21.58 10.33 2.41
CA ARG B 3 22.85 11.00 2.07
C ARG B 3 23.06 11.16 0.56
N PRO B 4 23.20 12.40 0.09
CA PRO B 4 23.48 12.52 -1.34
C PRO B 4 24.78 11.84 -1.74
N ILE B 5 24.77 11.25 -2.93
CA ILE B 5 25.96 10.63 -3.50
C ILE B 5 26.78 11.66 -4.29
N ASP B 6 26.10 12.63 -4.89
CA ASP B 6 26.80 13.72 -5.58
C ASP B 6 27.37 14.70 -4.56
N GLY B 7 28.31 15.54 -5.00
CA GLY B 7 28.94 16.50 -4.10
C GLY B 7 28.42 17.92 -4.24
N LEU B 8 27.24 18.07 -4.83
CA LEU B 8 26.70 19.41 -5.10
C LEU B 8 26.19 20.11 -3.85
N THR B 9 26.06 21.44 -3.91
CA THR B 9 25.52 22.21 -2.78
C THR B 9 24.06 22.56 -3.02
N ASP B 10 23.42 23.16 -2.02
CA ASP B 10 22.03 23.59 -2.16
C ASP B 10 21.85 24.64 -3.26
N GLU B 11 22.82 25.52 -3.41
CA GLU B 11 22.77 26.55 -4.45
C GLU B 11 22.80 25.90 -5.82
N ASP B 12 23.67 24.90 -5.97
CA ASP B 12 23.77 24.15 -7.21
C ASP B 12 22.42 23.54 -7.55
N ILE B 13 21.81 22.90 -6.54
CA ILE B 13 20.55 22.22 -6.72
C ILE B 13 19.38 23.18 -7.00
N ARG B 14 19.36 24.30 -6.29
CA ARG B 14 18.35 25.33 -6.53
C ARG B 14 18.42 25.85 -7.97
N GLU B 15 19.65 26.01 -8.48
CA GLU B 15 19.87 26.48 -9.84
C GLU B 15 19.27 25.51 -10.87
N ILE B 16 19.49 24.23 -10.64
CA ILE B 16 18.99 23.18 -11.52
C ILE B 16 17.49 23.23 -11.60
N LEU B 17 16.84 23.31 -10.43
CA LEU B 17 15.39 23.30 -10.37
C LEU B 17 14.77 24.57 -10.96
N THR B 18 15.57 25.63 -11.01
CA THR B 18 15.10 26.92 -11.51
C THR B 18 15.21 27.01 -13.03
N ARG B 19 16.37 26.62 -13.56
CA ARG B 19 16.66 26.73 -14.99
C ARG B 19 15.87 25.78 -15.86
N TYR B 20 15.70 24.54 -15.40
CA TYR B 20 15.23 23.46 -16.27
C TYR B 20 13.83 22.95 -15.96
N LYS B 21 12.89 23.18 -16.88
CA LYS B 21 11.50 22.78 -16.68
C LYS B 21 11.11 21.54 -17.50
N LYS B 22 11.95 21.16 -18.46
CA LYS B 22 11.61 20.05 -19.34
C LYS B 22 12.19 18.73 -18.84
N ILE B 23 11.32 17.89 -18.27
CA ILE B 23 11.78 16.69 -17.57
C ILE B 23 11.22 15.42 -18.22
N ALA B 24 12.11 14.50 -18.56
CA ALA B 24 11.70 13.15 -18.93
C ALA B 24 11.73 12.33 -17.66
N LEU B 25 10.59 11.79 -17.27
CA LEU B 25 10.50 11.03 -16.03
C LEU B 25 10.40 9.53 -16.34
N VAL B 26 11.50 8.82 -16.08
CA VAL B 26 11.63 7.40 -16.44
C VAL B 26 11.10 6.51 -15.32
N GLY B 27 10.20 5.60 -15.67
CA GLY B 27 9.56 4.75 -14.70
C GLY B 27 8.24 5.37 -14.24
N ALA B 28 7.76 6.34 -15.02
CA ALA B 28 6.45 6.94 -14.77
C ALA B 28 5.37 5.85 -14.73
N SER B 29 4.38 6.02 -13.86
CA SER B 29 3.40 4.97 -13.61
C SER B 29 2.08 5.54 -13.11
N PRO B 30 0.95 4.90 -13.45
CA PRO B 30 -0.34 5.35 -12.93
C PRO B 30 -0.52 4.86 -11.49
N LYS B 31 0.23 3.82 -11.11
CA LYS B 31 0.12 3.21 -9.79
C LYS B 31 0.38 4.24 -8.70
N PRO B 32 -0.53 4.33 -7.72
CA PRO B 32 -0.30 5.22 -6.56
C PRO B 32 0.88 4.73 -5.72
N GLU B 33 1.12 3.43 -5.70
CA GLU B 33 2.21 2.88 -4.88
C GLU B 33 3.60 3.14 -5.48
N ARG B 34 3.66 3.82 -6.62
CA ARG B 34 4.96 4.18 -7.20
C ARG B 34 5.23 5.65 -6.94
N ASP B 35 6.33 5.95 -6.27
CA ASP B 35 6.69 7.34 -5.99
C ASP B 35 6.83 8.16 -7.28
N ALA B 36 7.04 7.51 -8.41
CA ALA B 36 7.10 8.24 -9.67
C ALA B 36 5.77 8.94 -9.90
N ASN B 37 4.69 8.30 -9.48
CA ASN B 37 3.36 8.88 -9.65
C ASN B 37 3.21 10.19 -8.88
N ILE B 38 3.45 10.15 -7.56
CA ILE B 38 3.31 11.36 -6.74
C ILE B 38 4.28 12.49 -7.09
N VAL B 39 5.53 12.16 -7.40
CA VAL B 39 6.48 13.19 -7.79
C VAL B 39 6.09 13.81 -9.13
N MET B 40 5.62 12.99 -10.08
CA MET B 40 5.21 13.51 -11.39
C MET B 40 4.08 14.53 -11.26
N LYS B 41 3.07 14.21 -10.46
CA LYS B 41 1.94 15.11 -10.29
C LYS B 41 2.34 16.41 -9.59
N TYR B 42 3.22 16.31 -8.61
CA TYR B 42 3.75 17.50 -7.95
C TYR B 42 4.45 18.39 -8.98
N LEU B 43 5.36 17.81 -9.77
CA LEU B 43 6.09 18.59 -10.78
C LEU B 43 5.14 19.26 -11.78
N LEU B 44 4.19 18.49 -12.32
CA LEU B 44 3.22 19.02 -13.30
C LEU B 44 2.45 20.22 -12.76
N GLU B 45 2.27 20.25 -11.44
CA GLU B 45 1.50 21.33 -10.81
C GLU B 45 2.42 22.38 -10.19
N HIS B 46 3.65 22.46 -10.68
CA HIS B 46 4.61 23.45 -10.17
C HIS B 46 5.54 23.93 -11.28
N GLY B 47 5.02 24.03 -12.50
CA GLY B 47 5.73 24.70 -13.58
C GLY B 47 6.63 23.83 -14.44
N TYR B 48 6.56 22.51 -14.25
CA TYR B 48 7.40 21.59 -15.00
C TYR B 48 6.62 20.88 -16.10
N ASP B 49 7.29 20.61 -17.22
CA ASP B 49 6.66 19.88 -18.34
C ASP B 49 7.27 18.48 -18.38
N VAL B 50 6.49 17.49 -17.98
CA VAL B 50 7.00 16.14 -17.78
C VAL B 50 6.56 15.15 -18.86
N TYR B 51 7.55 14.56 -19.52
CA TYR B 51 7.31 13.54 -20.52
C TYR B 51 7.61 12.18 -19.90
N PRO B 52 6.57 11.39 -19.62
CA PRO B 52 6.73 10.08 -19.00
C PRO B 52 7.34 9.07 -19.96
N VAL B 53 8.26 8.26 -19.46
CA VAL B 53 8.89 7.21 -20.24
C VAL B 53 8.61 5.88 -19.55
N ASN B 54 7.89 5.00 -20.25
CA ASN B 54 7.59 3.65 -19.78
C ASN B 54 6.95 2.86 -20.92
N PRO B 55 7.69 1.87 -21.46
CA PRO B 55 7.24 1.04 -22.58
C PRO B 55 5.96 0.31 -22.24
N ASN B 56 5.64 0.25 -20.95
CA ASN B 56 4.44 -0.45 -20.50
C ASN B 56 3.14 0.38 -20.44
N TYR B 57 3.22 1.67 -20.75
CA TYR B 57 2.00 2.51 -20.83
C TYR B 57 2.02 3.48 -22.02
N GLU B 58 0.87 3.67 -22.67
CA GLU B 58 0.73 4.66 -23.73
C GLU B 58 0.52 6.07 -23.14
N GLU B 59 0.03 6.12 -21.92
CA GLU B 59 -0.15 7.42 -21.27
C GLU B 59 -0.13 7.30 -19.76
N VAL B 60 0.35 8.36 -19.12
CA VAL B 60 0.45 8.42 -17.66
C VAL B 60 0.06 9.82 -17.24
N LEU B 61 -0.82 9.90 -16.25
CA LEU B 61 -1.32 11.15 -15.70
C LEU B 61 -1.72 12.14 -16.79
N GLY B 62 -2.23 11.61 -17.89
CA GLY B 62 -2.78 12.43 -18.95
C GLY B 62 -1.84 12.78 -20.08
N ARG B 63 -0.55 12.53 -19.89
CA ARG B 63 0.46 12.84 -20.91
C ARG B 63 0.86 11.58 -21.70
N LYS B 64 1.19 11.76 -22.98
CA LYS B 64 1.63 10.63 -23.80
C LYS B 64 2.90 10.02 -23.22
N CYS B 65 2.91 8.70 -23.12
CA CYS B 65 4.04 7.99 -22.54
C CYS B 65 4.84 7.28 -23.62
N TYR B 66 6.17 7.48 -23.61
CA TYR B 66 7.06 6.92 -24.61
C TYR B 66 7.84 5.69 -24.10
N PRO B 67 8.31 4.84 -25.03
CA PRO B 67 9.04 3.63 -24.67
C PRO B 67 10.46 3.94 -24.21
N SER B 68 10.99 5.08 -24.62
CA SER B 68 12.38 5.46 -24.34
C SER B 68 12.54 6.98 -24.36
N VAL B 69 13.67 7.48 -23.87
CA VAL B 69 13.96 8.90 -23.93
C VAL B 69 14.13 9.34 -25.38
N LEU B 70 14.87 8.56 -26.14
CA LEU B 70 15.07 8.75 -27.57
C LEU B 70 13.78 9.03 -28.35
N ASP B 71 12.68 8.41 -27.93
CA ASP B 71 11.41 8.49 -28.65
C ASP B 71 10.66 9.79 -28.38
N ILE B 72 11.07 10.53 -27.37
CA ILE B 72 10.41 11.81 -27.08
C ILE B 72 10.76 12.76 -28.20
N PRO B 73 9.74 13.32 -28.87
CA PRO B 73 10.04 14.27 -29.96
C PRO B 73 10.61 15.58 -29.41
N ASP B 74 10.02 16.08 -28.33
CA ASP B 74 10.37 17.39 -27.80
C ASP B 74 11.73 17.43 -27.09
N LYS B 75 12.12 18.64 -26.70
CA LYS B 75 13.39 18.90 -26.05
C LYS B 75 13.35 18.41 -24.61
N VAL B 76 14.42 17.79 -24.14
CA VAL B 76 14.50 17.26 -22.78
C VAL B 76 15.74 17.81 -22.06
N GLU B 77 15.53 18.46 -20.92
CA GLU B 77 16.64 19.10 -20.19
C GLU B 77 17.13 18.25 -19.00
N VAL B 78 16.20 17.64 -18.27
CA VAL B 78 16.54 16.77 -17.14
C VAL B 78 15.95 15.38 -17.32
N VAL B 79 16.75 14.34 -17.06
CA VAL B 79 16.24 12.98 -17.04
C VAL B 79 16.11 12.54 -15.57
N ASP B 80 14.89 12.31 -15.12
CA ASP B 80 14.58 12.00 -13.71
C ASP B 80 14.26 10.51 -13.61
N LEU B 81 15.07 9.76 -12.84
CA LEU B 81 15.06 8.29 -12.89
C LEU B 81 14.34 7.62 -11.72
N PHE B 82 13.32 6.83 -12.05
CA PHE B 82 12.61 6.02 -11.08
C PHE B 82 12.66 4.53 -11.49
N VAL B 83 13.85 4.01 -11.78
CA VAL B 83 13.96 2.58 -12.07
C VAL B 83 15.10 1.94 -11.26
N ASN B 84 15.08 0.60 -11.20
CA ASN B 84 16.01 -0.21 -10.41
C ASN B 84 17.46 0.23 -10.62
N PRO B 85 18.29 0.13 -9.56
CA PRO B 85 19.73 0.40 -9.63
C PRO B 85 20.42 -0.42 -10.71
N ALA B 86 19.92 -1.61 -10.98
CA ALA B 86 20.49 -2.46 -12.02
C ALA B 86 20.23 -1.88 -13.41
N LYS B 87 19.24 -0.99 -13.51
CA LYS B 87 18.76 -0.48 -14.80
C LYS B 87 19.11 0.98 -15.05
N ALA B 88 19.04 1.80 -14.00
CA ALA B 88 19.00 3.26 -14.16
C ALA B 88 20.25 3.89 -14.76
N TRP B 89 21.41 3.33 -14.43
CA TRP B 89 22.69 3.82 -14.94
C TRP B 89 22.76 3.90 -16.47
N ARG B 90 22.06 3.00 -17.15
CA ARG B 90 22.03 2.99 -18.63
C ARG B 90 21.46 4.25 -19.23
N PHE B 91 20.73 5.03 -18.44
CA PHE B 91 20.10 6.25 -18.94
C PHE B 91 21.03 7.48 -19.00
N VAL B 92 22.24 7.37 -18.46
CA VAL B 92 23.22 8.45 -18.61
C VAL B 92 23.61 8.55 -20.08
N VAL B 93 23.97 7.43 -20.70
CA VAL B 93 24.27 7.44 -22.13
C VAL B 93 23.08 7.92 -22.97
N TYR B 94 21.88 7.40 -22.69
CA TYR B 94 20.69 7.86 -23.41
C TYR B 94 20.51 9.37 -23.26
N ALA B 95 20.87 9.90 -22.10
CA ALA B 95 20.67 11.34 -21.81
C ALA B 95 21.62 12.20 -22.62
N ILE B 96 22.89 11.84 -22.60
CA ILE B 96 23.91 12.50 -23.41
C ILE B 96 23.46 12.61 -24.86
N LYS B 97 22.99 11.49 -25.42
CA LYS B 97 22.60 11.45 -26.83
C LYS B 97 21.35 12.27 -27.10
N LYS B 98 20.54 12.48 -26.08
CA LYS B 98 19.34 13.30 -26.22
C LYS B 98 19.64 14.78 -26.03
N GLY B 99 20.78 15.09 -25.41
CA GLY B 99 21.18 16.47 -25.20
C GLY B 99 20.78 17.02 -23.84
N ALA B 100 20.31 16.14 -22.95
CA ALA B 100 19.89 16.58 -21.62
C ALA B 100 21.07 17.20 -20.87
N LYS B 101 20.77 18.09 -19.93
CA LYS B 101 21.80 18.80 -19.18
C LYS B 101 22.09 18.14 -17.82
N VAL B 102 21.07 17.45 -17.28
CA VAL B 102 21.14 16.90 -15.93
C VAL B 102 20.54 15.51 -15.91
N VAL B 103 21.16 14.58 -15.18
CA VAL B 103 20.59 13.27 -14.95
C VAL B 103 20.41 13.14 -13.44
N TRP B 104 19.17 12.90 -13.01
CA TRP B 104 18.82 12.96 -11.59
C TRP B 104 18.40 11.58 -11.10
N PHE B 105 19.22 10.99 -10.24
CA PHE B 105 18.94 9.67 -9.70
C PHE B 105 18.14 9.79 -8.42
N GLN B 106 16.90 9.29 -8.45
CA GLN B 106 16.07 9.31 -7.24
C GLN B 106 16.63 8.34 -6.19
N TYR B 107 16.00 8.27 -5.03
CA TYR B 107 16.47 7.35 -3.98
C TYR B 107 16.46 5.89 -4.45
N ASN B 108 17.55 5.20 -4.16
CA ASN B 108 17.71 3.79 -4.49
C ASN B 108 17.63 3.53 -5.99
N THR B 109 18.34 4.34 -6.76
CA THR B 109 18.38 4.14 -8.21
C THR B 109 19.81 4.13 -8.72
N TYR B 110 20.73 4.62 -7.91
CA TYR B 110 22.09 4.82 -8.37
C TYR B 110 22.91 3.53 -8.42
N TYR B 111 23.74 3.43 -9.45
CA TYR B 111 24.77 2.40 -9.60
C TYR B 111 26.01 3.07 -10.20
N PRO B 112 27.20 2.74 -9.68
CA PRO B 112 28.44 3.45 -10.04
C PRO B 112 28.78 3.43 -11.53
N LEU B 113 28.22 2.50 -12.30
CA LEU B 113 28.45 2.52 -13.75
C LEU B 113 28.01 3.85 -14.36
N ALA B 114 27.18 4.59 -13.63
CA ALA B 114 26.72 5.90 -14.09
C ALA B 114 27.85 6.92 -14.24
N ALA B 115 28.84 6.86 -13.35
CA ALA B 115 29.94 7.83 -13.36
C ALA B 115 30.92 7.63 -14.52
N ALA B 121 33.13 14.50 -19.42
CA ALA B 121 32.48 15.46 -18.53
C ALA B 121 31.33 16.19 -19.23
N GLY B 122 30.18 15.52 -19.28
CA GLY B 122 29.01 16.05 -19.95
C GLY B 122 27.93 16.48 -18.97
N PRO B 123 26.91 15.62 -18.76
CA PRO B 123 25.74 15.99 -17.98
C PRO B 123 26.01 16.04 -16.47
N ILE B 124 25.37 16.98 -15.78
CA ILE B 124 25.47 17.04 -14.32
C ILE B 124 24.72 15.86 -13.68
N ILE B 125 25.39 15.10 -12.81
CA ILE B 125 24.73 14.01 -12.11
C ILE B 125 24.27 14.43 -10.71
N VAL B 126 22.96 14.45 -10.50
CA VAL B 126 22.40 14.54 -9.16
C VAL B 126 22.08 13.12 -8.75
N ALA B 127 22.47 12.75 -7.53
CA ALA B 127 22.34 11.35 -7.12
C ALA B 127 21.94 11.15 -5.66
N ASN B 128 20.93 10.31 -5.49
CA ASN B 128 20.32 10.05 -4.20
C ASN B 128 19.66 11.28 -3.59
N ARG B 129 18.82 11.95 -4.40
CA ARG B 129 17.98 13.05 -3.95
C ARG B 129 16.64 12.94 -4.68
N CYS B 130 15.63 13.68 -4.22
CA CYS B 130 14.32 13.66 -4.85
C CYS B 130 13.90 15.05 -5.33
N MET B 131 13.49 15.13 -6.59
CA MET B 131 13.14 16.43 -7.17
C MET B 131 12.03 17.15 -6.40
N MET B 132 11.00 16.40 -6.00
CA MET B 132 9.90 17.00 -5.25
C MET B 132 10.39 17.57 -3.93
N ARG B 133 11.19 16.80 -3.23
CA ARG B 133 11.61 17.17 -1.89
C ARG B 133 12.55 18.36 -1.89
N GLU B 134 13.45 18.41 -2.88
CA GLU B 134 14.38 19.50 -2.99
C GLU B 134 13.62 20.76 -3.43
N HIS B 135 12.60 20.59 -4.28
CA HIS B 135 11.78 21.74 -4.66
C HIS B 135 11.05 22.32 -3.46
N GLU B 136 10.34 21.49 -2.72
CA GLU B 136 9.68 21.95 -1.50
C GLU B 136 10.66 22.71 -0.60
N ARG B 137 11.82 22.12 -0.34
CA ARG B 137 12.78 22.72 0.59
C ARG B 137 13.49 23.96 0.03
N LEU B 138 13.74 24.01 -1.27
CA LEU B 138 14.58 25.07 -1.84
C LEU B 138 13.84 26.12 -2.65
N LEU B 139 12.63 25.79 -3.10
CA LEU B 139 11.82 26.73 -3.86
C LEU B 139 10.37 26.76 -3.38
N GLY B 140 10.11 26.19 -2.21
CA GLY B 140 8.78 26.10 -1.67
C GLY B 140 7.95 27.37 -1.83
N PHE C 2 5.56 9.29 -0.38
CA PHE C 2 5.05 7.97 -0.71
C PHE C 2 3.53 7.92 -0.59
N GLY C 3 2.88 7.60 -1.71
CA GLY C 3 1.44 7.76 -1.84
C GLY C 3 0.62 6.79 -1.02
N GLN C 4 1.12 5.57 -0.86
CA GLN C 4 0.39 4.58 -0.07
C GLN C 4 0.35 4.97 1.41
N ASP C 5 1.49 5.40 1.93
CA ASP C 5 1.55 5.87 3.32
C ASP C 5 0.63 7.06 3.57
N LEU C 6 0.64 8.02 2.66
CA LEU C 6 -0.18 9.21 2.82
C LEU C 6 -1.66 8.85 2.70
N GLY C 7 -1.97 7.96 1.78
CA GLY C 7 -3.34 7.50 1.56
C GLY C 7 -3.90 6.78 2.78
N LYS C 8 -3.09 5.95 3.42
CA LYS C 8 -3.53 5.22 4.61
C LYS C 8 -3.79 6.18 5.79
N LYS C 9 -2.94 7.18 5.92
CA LYS C 9 -3.13 8.18 6.96
C LYS C 9 -4.35 9.07 6.69
N LEU C 10 -4.55 9.44 5.43
CA LEU C 10 -5.74 10.22 5.09
C LEU C 10 -7.02 9.42 5.41
N LEU C 11 -7.05 8.16 4.97
CA LEU C 11 -8.17 7.29 5.31
C LEU C 11 -8.45 7.28 6.80
N GLU C 12 -7.42 7.08 7.61
CA GLU C 12 -7.58 7.03 9.07
C GLU C 12 -8.03 8.35 9.73
N ALA C 13 -7.44 9.46 9.31
CA ALA C 13 -7.76 10.76 9.88
C ALA C 13 -9.17 11.17 9.47
N ALA C 14 -9.55 10.82 8.25
CA ALA C 14 -10.90 11.09 7.79
C ALA C 14 -11.88 10.26 8.60
N ALA C 15 -11.58 8.99 8.84
CA ALA C 15 -12.49 8.14 9.60
C ALA C 15 -12.62 8.66 11.04
N ALA C 16 -11.52 9.20 11.56
CA ALA C 16 -11.47 9.63 12.96
C ALA C 16 -11.99 11.03 13.19
N GLY C 17 -12.26 11.77 12.12
CA GLY C 17 -12.77 13.13 12.26
C GLY C 17 -11.71 14.13 12.69
N GLN C 18 -10.46 13.85 12.34
CA GLN C 18 -9.36 14.74 12.70
C GLN C 18 -9.22 15.83 11.67
N ASP C 19 -10.05 16.86 11.80
CA ASP C 19 -10.13 17.89 10.79
C ASP C 19 -8.76 18.48 10.49
N ASP C 20 -7.98 18.73 11.53
CA ASP C 20 -6.68 19.36 11.35
C ASP C 20 -5.65 18.47 10.64
N GLU C 21 -5.59 17.21 11.05
CA GLU C 21 -4.67 16.26 10.43
C GLU C 21 -5.03 16.05 8.94
N VAL C 22 -6.32 16.03 8.64
CA VAL C 22 -6.76 15.88 7.25
C VAL C 22 -6.20 17.03 6.38
N ARG C 23 -6.29 18.25 6.87
CA ARG C 23 -5.80 19.38 6.08
C ARG C 23 -4.30 19.33 5.90
N ILE C 24 -3.60 18.94 6.96
CA ILE C 24 -2.16 18.77 6.92
C ILE C 24 -1.76 17.74 5.87
N LEU C 25 -2.35 16.55 5.94
CA LEU C 25 -2.04 15.49 5.00
C LEU C 25 -2.31 15.90 3.55
N MET C 26 -3.38 16.64 3.33
CA MET C 26 -3.71 17.07 1.97
C MET C 26 -2.71 18.11 1.47
N ALA C 27 -2.31 19.00 2.37
CA ALA C 27 -1.30 20.00 2.03
C ALA C 27 0.03 19.31 1.74
N ASN C 28 0.17 18.08 2.22
CA ASN C 28 1.42 17.33 2.01
C ASN C 28 1.40 16.33 0.86
N GLY C 29 0.34 16.37 0.05
CA GLY C 29 0.27 15.54 -1.13
C GLY C 29 -0.70 14.37 -1.11
N ALA C 30 -1.30 14.07 0.05
CA ALA C 30 -2.21 12.93 0.12
C ALA C 30 -3.42 13.11 -0.81
N ASP C 31 -3.79 12.05 -1.51
CA ASP C 31 -4.85 12.11 -2.51
C ASP C 31 -6.25 11.82 -1.93
N VAL C 32 -7.14 12.78 -2.09
CA VAL C 32 -8.51 12.64 -1.60
C VAL C 32 -9.22 11.41 -2.17
N ASN C 33 -8.72 10.91 -3.30
CA ASN C 33 -9.31 9.74 -3.94
C ASN C 33 -8.50 8.45 -3.73
N ALA C 34 -7.59 8.48 -2.76
CA ALA C 34 -6.90 7.28 -2.31
C ALA C 34 -7.92 6.20 -1.98
N THR C 35 -7.56 4.94 -2.19
CA THR C 35 -8.45 3.82 -1.85
C THR C 35 -7.73 2.77 -1.02
N ASP C 36 -8.46 2.11 -0.11
CA ASP C 36 -7.89 0.96 0.59
C ASP C 36 -8.01 -0.30 -0.28
N ASP C 37 -7.71 -1.46 0.28
CA ASP C 37 -7.66 -2.67 -0.55
C ASP C 37 -8.99 -3.09 -1.18
N ASN C 38 -10.09 -2.76 -0.51
CA ASN C 38 -11.42 -3.10 -1.02
C ASN C 38 -12.08 -1.94 -1.78
N GLY C 39 -11.36 -0.84 -1.96
CA GLY C 39 -11.88 0.29 -2.72
C GLY C 39 -12.61 1.35 -1.92
N LEU C 40 -12.50 1.30 -0.59
CA LEU C 40 -13.04 2.37 0.25
C LEU C 40 -12.18 3.64 0.14
N THR C 41 -12.83 4.80 0.11
CA THR C 41 -12.14 6.08 0.04
C THR C 41 -12.33 6.89 1.33
N PRO C 42 -11.50 7.92 1.55
CA PRO C 42 -11.67 8.79 2.72
C PRO C 42 -13.11 9.30 2.86
N LEU C 43 -13.76 9.60 1.74
CA LEU C 43 -15.16 10.05 1.79
C LEU C 43 -16.13 8.96 2.29
N HIS C 44 -15.90 7.69 1.94
CA HIS C 44 -16.71 6.61 2.47
C HIS C 44 -16.67 6.62 4.00
N LEU C 45 -15.46 6.74 4.55
CA LEU C 45 -15.26 6.57 5.98
C LEU C 45 -15.77 7.78 6.77
N ALA C 46 -15.50 8.99 6.26
CA ALA C 46 -16.02 10.18 6.90
C ALA C 46 -17.55 10.17 6.87
N ALA C 47 -18.14 9.80 5.72
CA ALA C 47 -19.58 9.66 5.63
C ALA C 47 -20.12 8.62 6.62
N ALA C 48 -19.48 7.44 6.66
CA ALA C 48 -19.93 6.36 7.55
C ALA C 48 -19.91 6.79 9.01
N ASN C 49 -18.89 7.53 9.39
CA ASN C 49 -18.69 7.91 10.79
C ASN C 49 -19.26 9.29 11.16
N GLY C 50 -19.93 9.94 10.22
CA GLY C 50 -20.61 11.19 10.53
C GLY C 50 -19.71 12.40 10.69
N GLN C 51 -18.59 12.40 9.99
CA GLN C 51 -17.65 13.51 10.09
C GLN C 51 -17.98 14.56 9.05
N LEU C 52 -18.92 15.43 9.39
CA LEU C 52 -19.51 16.37 8.44
C LEU C 52 -18.51 17.35 7.81
N GLU C 53 -17.72 18.03 8.63
CA GLU C 53 -16.74 18.99 8.13
C GLU C 53 -15.77 18.33 7.17
N ILE C 54 -15.28 17.15 7.53
CA ILE C 54 -14.39 16.40 6.66
C ILE C 54 -15.05 16.01 5.34
N VAL C 55 -16.33 15.62 5.39
CA VAL C 55 -17.06 15.35 4.16
C VAL C 55 -17.02 16.58 3.24
N GLU C 56 -17.27 17.76 3.78
CA GLU C 56 -17.26 18.98 2.96
C GLU C 56 -15.88 19.31 2.35
N VAL C 57 -14.82 19.16 3.14
CA VAL C 57 -13.50 19.53 2.66
C VAL C 57 -13.02 18.54 1.60
N LEU C 58 -13.38 17.27 1.79
CA LEU C 58 -13.04 16.25 0.81
C LEU C 58 -13.66 16.58 -0.54
N LEU C 59 -14.95 16.91 -0.52
CA LEU C 59 -15.67 17.22 -1.75
C LEU C 59 -15.09 18.46 -2.44
N LYS C 60 -14.88 19.52 -1.67
CA LYS C 60 -14.27 20.74 -2.18
C LYS C 60 -12.94 20.45 -2.88
N ASN C 61 -12.24 19.42 -2.41
CA ASN C 61 -10.95 19.07 -2.99
C ASN C 61 -11.02 18.02 -4.10
N GLY C 62 -12.22 17.77 -4.61
CA GLY C 62 -12.39 16.93 -5.78
C GLY C 62 -12.70 15.46 -5.54
N ALA C 63 -13.06 15.08 -4.33
CA ALA C 63 -13.41 13.69 -4.06
C ALA C 63 -14.59 13.24 -4.91
N ASP C 64 -14.52 12.01 -5.44
CA ASP C 64 -15.65 11.44 -6.20
C ASP C 64 -16.82 11.04 -5.28
N VAL C 65 -17.89 11.82 -5.34
CA VAL C 65 -19.08 11.62 -4.49
C VAL C 65 -19.73 10.25 -4.73
N ASN C 66 -19.47 9.64 -5.89
CA ASN C 66 -20.10 8.38 -6.27
C ASN C 66 -19.15 7.18 -6.27
N ALA C 67 -17.95 7.33 -5.71
CA ALA C 67 -17.03 6.20 -5.63
C ALA C 67 -17.72 4.96 -5.02
N SER C 68 -17.52 3.78 -5.61
CA SER C 68 -18.08 2.57 -5.03
C SER C 68 -16.96 1.61 -4.67
N ASP C 69 -17.10 0.88 -3.57
CA ASP C 69 -16.13 -0.15 -3.22
C ASP C 69 -16.42 -1.43 -4.01
N SER C 70 -15.77 -2.54 -3.66
CA SER C 70 -15.88 -3.74 -4.50
C SER C 70 -17.25 -4.43 -4.32
N ALA C 71 -18.03 -3.97 -3.35
CA ALA C 71 -19.37 -4.48 -3.14
C ALA C 71 -20.43 -3.44 -3.53
N GLY C 72 -20.01 -2.42 -4.27
CA GLY C 72 -20.93 -1.42 -4.79
C GLY C 72 -21.44 -0.44 -3.74
N ILE C 73 -20.75 -0.38 -2.61
CA ILE C 73 -21.13 0.51 -1.52
C ILE C 73 -20.64 1.94 -1.78
N THR C 74 -21.57 2.91 -1.70
CA THR C 74 -21.22 4.32 -1.92
C THR C 74 -21.25 5.12 -0.59
N PRO C 75 -20.59 6.30 -0.57
CA PRO C 75 -20.73 7.14 0.63
C PRO C 75 -22.20 7.42 1.02
N LEU C 76 -23.08 7.67 0.04
CA LEU C 76 -24.50 7.84 0.35
C LEU C 76 -25.13 6.61 1.02
N HIS C 77 -24.72 5.42 0.58
CA HIS C 77 -25.26 4.19 1.21
C HIS C 77 -24.95 4.20 2.72
N LEU C 78 -23.68 4.46 3.04
CA LEU C 78 -23.20 4.47 4.43
C LEU C 78 -23.83 5.57 5.28
N ALA C 79 -23.91 6.77 4.72
CA ALA C 79 -24.52 7.90 5.44
C ALA C 79 -25.99 7.63 5.75
N ALA C 80 -26.68 7.01 4.80
CA ALA C 80 -28.11 6.70 4.96
C ALA C 80 -28.32 5.61 6.01
N TYR C 81 -27.60 4.50 5.91
CA TYR C 81 -27.75 3.45 6.92
C TYR C 81 -27.35 3.92 8.32
N ASP C 82 -26.26 4.67 8.42
CA ASP C 82 -25.73 5.09 9.72
C ASP C 82 -26.48 6.30 10.29
N GLY C 83 -27.47 6.80 9.57
CA GLY C 83 -28.37 7.78 10.12
C GLY C 83 -27.79 9.16 10.21
N HIS C 84 -26.90 9.51 9.28
CA HIS C 84 -26.30 10.84 9.30
C HIS C 84 -26.99 11.82 8.34
N LEU C 85 -28.01 12.50 8.83
CA LEU C 85 -28.86 13.34 7.98
C LEU C 85 -28.13 14.45 7.23
N GLU C 86 -27.36 15.25 7.94
CA GLU C 86 -26.66 16.39 7.31
C GLU C 86 -25.69 15.93 6.25
N ILE C 87 -25.08 14.77 6.46
CA ILE C 87 -24.17 14.24 5.46
C ILE C 87 -24.93 13.78 4.21
N VAL C 88 -26.09 13.16 4.41
CA VAL C 88 -26.96 12.75 3.30
C VAL C 88 -27.33 13.96 2.42
N GLU C 89 -27.71 15.07 3.05
CA GLU C 89 -28.07 16.27 2.30
C GLU C 89 -26.89 16.86 1.51
N VAL C 90 -25.71 16.94 2.12
CA VAL C 90 -24.55 17.47 1.40
C VAL C 90 -24.14 16.57 0.23
N LEU C 91 -24.18 15.25 0.45
CA LEU C 91 -23.83 14.30 -0.60
C LEU C 91 -24.78 14.49 -1.80
N LEU C 92 -26.07 14.57 -1.53
CA LEU C 92 -27.05 14.72 -2.60
C LEU C 92 -26.84 16.02 -3.36
N LYS C 93 -26.56 17.07 -2.61
CA LYS C 93 -26.30 18.40 -3.16
C LYS C 93 -25.08 18.38 -4.09
N HIS C 94 -24.09 17.55 -3.76
CA HIS C 94 -22.90 17.38 -4.58
C HIS C 94 -22.94 16.23 -5.59
N GLY C 95 -24.14 15.80 -5.97
CA GLY C 95 -24.31 14.90 -7.09
C GLY C 95 -24.38 13.40 -6.79
N ALA C 96 -24.46 13.03 -5.52
CA ALA C 96 -24.59 11.61 -5.18
C ALA C 96 -25.76 10.98 -5.94
N ASP C 97 -25.55 9.78 -6.48
CA ASP C 97 -26.59 9.01 -7.16
C ASP C 97 -27.61 8.47 -6.14
N VAL C 98 -28.82 9.02 -6.18
CA VAL C 98 -29.81 8.72 -5.17
C VAL C 98 -30.27 7.27 -5.26
N ASN C 99 -30.09 6.67 -6.43
CA ASN C 99 -30.55 5.32 -6.69
C ASN C 99 -29.42 4.34 -7.02
N ALA C 100 -28.25 4.50 -6.41
CA ALA C 100 -27.17 3.52 -6.57
C ALA C 100 -27.54 2.22 -5.87
N TYR C 101 -27.18 1.09 -6.46
CA TYR C 101 -27.48 -0.24 -5.93
C TYR C 101 -26.20 -0.90 -5.50
N ASP C 102 -26.18 -1.48 -4.29
CA ASP C 102 -25.03 -2.21 -3.81
C ASP C 102 -25.11 -3.68 -4.24
N ARG C 103 -24.15 -4.47 -3.80
CA ARG C 103 -24.07 -5.89 -4.12
C ARG C 103 -25.39 -6.65 -3.89
N ALA C 104 -26.12 -6.27 -2.86
CA ALA C 104 -27.35 -6.97 -2.47
C ALA C 104 -28.60 -6.42 -3.19
N GLY C 105 -28.40 -5.45 -4.06
CA GLY C 105 -29.51 -4.79 -4.71
C GLY C 105 -30.16 -3.72 -3.83
N TRP C 106 -29.47 -3.26 -2.79
CA TRP C 106 -29.99 -2.16 -1.98
C TRP C 106 -29.65 -0.73 -2.45
N THR C 107 -30.66 0.11 -2.52
CA THR C 107 -30.49 1.54 -2.74
C THR C 107 -30.40 2.27 -1.39
N PRO C 108 -30.01 3.55 -1.42
CA PRO C 108 -30.04 4.25 -0.12
C PRO C 108 -31.43 4.22 0.55
N LEU C 109 -32.50 4.18 -0.23
CA LEU C 109 -33.85 4.13 0.36
C LEU C 109 -34.04 2.84 1.16
N HIS C 110 -33.58 1.71 0.61
CA HIS C 110 -33.65 0.42 1.32
C HIS C 110 -32.90 0.52 2.65
N LEU C 111 -31.69 1.08 2.59
CA LEU C 111 -30.84 1.18 3.78
C LEU C 111 -31.44 2.13 4.82
N ALA C 112 -32.02 3.22 4.37
CA ALA C 112 -32.71 4.10 5.31
C ALA C 112 -33.86 3.36 6.00
N ALA C 113 -34.57 2.53 5.23
CA ALA C 113 -35.72 1.81 5.78
C ALA C 113 -35.27 0.75 6.77
N LEU C 114 -34.24 -0.01 6.39
CA LEU C 114 -33.64 -0.99 7.29
C LEU C 114 -33.30 -0.45 8.68
N SER C 115 -32.71 0.73 8.77
CA SER C 115 -32.42 1.26 10.10
C SER C 115 -33.45 2.29 10.58
N GLY C 116 -34.61 2.34 9.92
CA GLY C 116 -35.73 3.16 10.35
C GLY C 116 -35.47 4.67 10.47
N GLN C 117 -34.77 5.25 9.50
CA GLN C 117 -34.52 6.69 9.53
C GLN C 117 -35.57 7.48 8.78
N LEU C 118 -36.57 7.96 9.50
CA LEU C 118 -37.68 8.68 8.90
C LEU C 118 -37.24 9.93 8.17
N GLU C 119 -36.44 10.76 8.82
CA GLU C 119 -36.02 12.02 8.22
C GLU C 119 -35.23 11.78 6.94
N ILE C 120 -34.35 10.78 6.97
CA ILE C 120 -33.53 10.48 5.81
C ILE C 120 -34.38 9.94 4.66
N VAL C 121 -35.34 9.08 4.96
CA VAL C 121 -36.26 8.58 3.92
C VAL C 121 -36.97 9.75 3.23
N GLU C 122 -37.51 10.67 4.02
CA GLU C 122 -38.21 11.84 3.50
C GLU C 122 -37.35 12.64 2.54
N VAL C 123 -36.09 12.85 2.91
CA VAL C 123 -35.14 13.58 2.08
C VAL C 123 -34.82 12.85 0.77
N LEU C 124 -34.58 11.54 0.85
CA LEU C 124 -34.29 10.74 -0.36
C LEU C 124 -35.45 10.78 -1.36
N LEU C 125 -36.66 10.66 -0.85
CA LEU C 125 -37.85 10.72 -1.67
C LEU C 125 -37.96 12.05 -2.40
N LYS C 126 -37.72 13.13 -1.67
CA LYS C 126 -37.78 14.47 -2.25
C LYS C 126 -36.74 14.61 -3.36
N HIS C 127 -35.71 13.77 -3.31
CA HIS C 127 -34.63 13.86 -4.28
C HIS C 127 -34.70 12.78 -5.35
N GLY C 128 -35.89 12.21 -5.54
CA GLY C 128 -36.15 11.28 -6.63
C GLY C 128 -35.75 9.84 -6.37
N ALA C 129 -35.71 9.43 -5.10
CA ALA C 129 -35.44 8.05 -4.80
C ALA C 129 -36.52 7.20 -5.47
N ASP C 130 -36.12 6.03 -5.99
CA ASP C 130 -37.06 5.14 -6.67
C ASP C 130 -37.82 4.24 -5.70
N VAL C 131 -39.06 4.64 -5.41
CA VAL C 131 -39.85 3.91 -4.43
C VAL C 131 -40.17 2.48 -4.88
N ASN C 132 -40.08 2.23 -6.18
CA ASN C 132 -40.34 0.90 -6.75
C ASN C 132 -39.13 -0.03 -6.88
N ALA C 133 -37.94 0.47 -6.51
CA ALA C 133 -36.71 -0.32 -6.70
C ALA C 133 -36.75 -1.63 -5.92
N GLN C 134 -36.25 -2.71 -6.54
CA GLN C 134 -36.24 -4.00 -5.87
C GLN C 134 -34.83 -4.48 -5.62
N ASP C 135 -34.61 -5.11 -4.47
CA ASP C 135 -33.31 -5.69 -4.17
C ASP C 135 -33.25 -7.10 -4.74
N ALA C 136 -32.15 -7.79 -4.49
CA ALA C 136 -31.91 -9.11 -5.07
C ALA C 136 -33.02 -10.13 -4.78
N LEU C 137 -33.74 -9.94 -3.68
CA LEU C 137 -34.83 -10.85 -3.34
C LEU C 137 -36.19 -10.23 -3.66
N GLY C 138 -36.18 -9.21 -4.50
CA GLY C 138 -37.42 -8.62 -5.00
C GLY C 138 -38.16 -7.67 -4.06
N LEU C 139 -37.50 -7.19 -3.02
CA LEU C 139 -38.18 -6.38 -2.02
C LEU C 139 -37.93 -4.89 -2.18
N THR C 140 -39.00 -4.10 -2.03
CA THR C 140 -38.88 -2.64 -2.05
C THR C 140 -38.59 -2.11 -0.65
N ALA C 141 -38.18 -0.85 -0.55
CA ALA C 141 -37.99 -0.21 0.74
C ALA C 141 -39.25 -0.37 1.59
N PHE C 142 -40.41 -0.16 0.97
CA PHE C 142 -41.71 -0.38 1.61
C PHE C 142 -41.80 -1.76 2.27
N ASP C 143 -41.56 -2.81 1.48
CA ASP C 143 -41.62 -4.17 1.99
C ASP C 143 -40.82 -4.30 3.26
N ILE C 144 -39.64 -3.70 3.27
CA ILE C 144 -38.73 -3.82 4.39
C ILE C 144 -39.28 -3.21 5.68
N SER C 145 -39.80 -1.99 5.59
CA SER C 145 -40.35 -1.35 6.78
C SER C 145 -41.53 -2.15 7.33
N ILE C 146 -42.32 -2.75 6.43
CA ILE C 146 -43.45 -3.60 6.85
C ILE C 146 -42.98 -4.83 7.63
N ASN C 147 -42.04 -5.56 7.06
CA ASN C 147 -41.47 -6.72 7.72
C ASN C 147 -40.93 -6.36 9.10
N GLN C 148 -40.60 -5.08 9.28
CA GLN C 148 -40.01 -4.61 10.54
C GLN C 148 -41.02 -3.87 11.42
N GLY C 149 -42.27 -3.79 10.97
CA GLY C 149 -43.34 -3.27 11.80
C GLY C 149 -43.41 -1.75 11.91
N GLN C 150 -42.48 -1.06 11.26
CA GLN C 150 -42.49 0.38 11.22
C GLN C 150 -43.48 0.86 10.18
N GLU C 151 -44.76 0.81 10.50
CA GLU C 151 -45.78 1.13 9.51
C GLU C 151 -45.98 2.62 9.31
N ASP C 152 -45.39 3.43 10.19
CA ASP C 152 -45.42 4.87 10.00
C ASP C 152 -44.46 5.24 8.86
N LEU C 153 -43.31 4.57 8.81
CA LEU C 153 -42.38 4.73 7.69
C LEU C 153 -42.95 4.16 6.41
N ALA C 154 -43.59 3.00 6.51
CA ALA C 154 -44.17 2.33 5.37
C ALA C 154 -45.18 3.22 4.65
N GLU C 155 -45.89 4.02 5.43
CA GLU C 155 -46.97 4.84 4.89
C GLU C 155 -46.44 5.94 3.96
N ILE C 156 -45.24 6.45 4.23
CA ILE C 156 -44.68 7.47 3.35
C ILE C 156 -43.82 6.85 2.26
N LEU C 157 -43.58 5.55 2.37
CA LEU C 157 -42.75 4.81 1.44
C LEU C 157 -43.56 4.13 0.33
N GLN C 158 -44.87 4.33 0.33
CA GLN C 158 -45.71 3.60 -0.62
C GLN C 158 -45.85 4.34 -1.94
N ALA D 1 2.30 -14.79 -26.32
CA ALA D 1 3.51 -15.31 -25.71
C ALA D 1 3.36 -15.48 -24.20
N PHE D 2 2.81 -16.62 -23.82
CA PHE D 2 2.67 -17.05 -22.43
C PHE D 2 3.86 -16.76 -21.56
N GLY D 3 4.98 -17.37 -21.93
CA GLY D 3 6.16 -17.33 -21.10
C GLY D 3 6.72 -15.93 -20.93
N GLN D 4 6.71 -15.18 -22.05
CA GLN D 4 7.18 -13.80 -22.03
C GLN D 4 6.44 -12.98 -20.98
N ASP D 5 5.10 -13.04 -21.01
CA ASP D 5 4.25 -12.34 -20.06
C ASP D 5 4.46 -12.82 -18.62
N LEU D 6 4.59 -14.14 -18.43
CA LEU D 6 4.86 -14.66 -17.09
C LEU D 6 6.20 -14.16 -16.56
N GLY D 7 7.24 -14.33 -17.37
CA GLY D 7 8.57 -13.81 -17.05
C GLY D 7 8.54 -12.37 -16.57
N LYS D 8 7.91 -11.49 -17.35
CA LYS D 8 7.75 -10.09 -16.95
C LYS D 8 7.14 -9.94 -15.56
N LYS D 9 6.06 -10.66 -15.29
CA LYS D 9 5.39 -10.53 -14.00
C LYS D 9 6.28 -10.99 -12.86
N LEU D 10 7.04 -12.06 -13.07
CA LEU D 10 7.92 -12.56 -12.02
C LEU D 10 9.05 -11.55 -11.71
N LEU D 11 9.63 -10.97 -12.75
CA LEU D 11 10.66 -9.94 -12.60
C LEU D 11 10.17 -8.79 -11.72
N GLU D 12 8.95 -8.33 -11.99
CA GLU D 12 8.36 -7.24 -11.23
C GLU D 12 8.07 -7.67 -9.78
N ALA D 13 7.52 -8.87 -9.60
CA ALA D 13 7.17 -9.31 -8.26
C ALA D 13 8.43 -9.59 -7.42
N ALA D 14 9.46 -10.14 -8.04
CA ALA D 14 10.70 -10.40 -7.33
C ALA D 14 11.35 -9.09 -6.94
N ALA D 15 11.33 -8.10 -7.84
CA ALA D 15 11.89 -6.79 -7.52
C ALA D 15 11.14 -6.13 -6.36
N ALA D 16 9.82 -6.32 -6.31
CA ALA D 16 9.00 -5.68 -5.29
C ALA D 16 8.86 -6.45 -3.97
N GLY D 17 9.50 -7.61 -3.86
CA GLY D 17 9.42 -8.38 -2.62
C GLY D 17 8.06 -9.02 -2.37
N GLN D 18 7.29 -9.22 -3.43
CA GLN D 18 5.95 -9.81 -3.27
C GLN D 18 6.02 -11.33 -3.23
N ASP D 19 6.27 -11.85 -2.04
CA ASP D 19 6.58 -13.27 -1.87
C ASP D 19 5.41 -14.16 -2.32
N ASP D 20 4.19 -13.72 -2.05
CA ASP D 20 3.02 -14.48 -2.47
C ASP D 20 2.93 -14.59 -3.99
N GLU D 21 2.82 -13.44 -4.66
CA GLU D 21 2.73 -13.39 -6.12
C GLU D 21 3.86 -14.16 -6.80
N VAL D 22 5.05 -14.15 -6.18
CA VAL D 22 6.19 -14.90 -6.69
C VAL D 22 5.90 -16.41 -6.67
N ARG D 23 5.25 -16.87 -5.61
CA ARG D 23 4.87 -18.28 -5.52
C ARG D 23 3.85 -18.65 -6.58
N ILE D 24 2.85 -17.79 -6.75
CA ILE D 24 1.77 -18.11 -7.68
C ILE D 24 2.26 -18.13 -9.12
N LEU D 25 3.15 -17.20 -9.45
CA LEU D 25 3.66 -17.07 -10.80
C LEU D 25 4.53 -18.26 -11.20
N MET D 26 5.37 -18.72 -10.27
CA MET D 26 6.18 -19.89 -10.54
C MET D 26 5.29 -21.14 -10.69
N ALA D 27 4.28 -21.25 -9.85
CA ALA D 27 3.34 -22.37 -9.93
C ALA D 27 2.58 -22.36 -11.26
N ASN D 28 2.39 -21.16 -11.81
CA ASN D 28 1.71 -21.03 -13.10
C ASN D 28 2.65 -21.07 -14.29
N GLY D 29 3.91 -21.44 -14.07
CA GLY D 29 4.83 -21.70 -15.17
C GLY D 29 5.88 -20.65 -15.47
N ALA D 30 5.94 -19.56 -14.69
CA ALA D 30 6.96 -18.54 -14.90
C ALA D 30 8.34 -19.15 -14.65
N ASP D 31 9.30 -18.77 -15.48
CA ASP D 31 10.66 -19.33 -15.44
C ASP D 31 11.55 -18.51 -14.49
N VAL D 32 12.09 -19.14 -13.45
CA VAL D 32 12.95 -18.41 -12.51
C VAL D 32 14.14 -17.74 -13.19
N ASN D 33 14.50 -18.24 -14.37
CA ASN D 33 15.63 -17.69 -15.11
C ASN D 33 15.22 -16.86 -16.32
N ALA D 34 13.99 -16.34 -16.31
CA ALA D 34 13.58 -15.36 -17.30
C ALA D 34 14.54 -14.18 -17.28
N THR D 35 14.70 -13.51 -18.42
CA THR D 35 15.54 -12.33 -18.52
C THR D 35 14.74 -11.18 -19.15
N ASP D 36 15.14 -9.95 -18.86
CA ASP D 36 14.59 -8.81 -19.58
C ASP D 36 15.46 -8.53 -20.81
N ASP D 37 15.26 -7.37 -21.44
CA ASP D 37 15.95 -7.04 -22.69
C ASP D 37 17.46 -7.02 -22.54
N ASN D 38 17.93 -6.64 -21.35
CA ASN D 38 19.36 -6.50 -21.11
C ASN D 38 19.98 -7.68 -20.35
N GLY D 39 19.18 -8.72 -20.10
CA GLY D 39 19.71 -9.91 -19.48
C GLY D 39 19.59 -9.93 -17.97
N LEU D 40 18.85 -8.98 -17.41
CA LEU D 40 18.57 -9.01 -15.98
C LEU D 40 17.57 -10.10 -15.64
N THR D 41 17.80 -10.76 -14.50
CA THR D 41 16.94 -11.84 -14.06
C THR D 41 16.21 -11.48 -12.76
N PRO D 42 15.19 -12.26 -12.41
CA PRO D 42 14.51 -12.04 -11.13
C PRO D 42 15.49 -11.99 -9.95
N LEU D 43 16.55 -12.80 -10.00
CA LEU D 43 17.52 -12.81 -8.92
C LEU D 43 18.34 -11.51 -8.83
N HIS D 44 18.73 -10.95 -9.97
CA HIS D 44 19.38 -9.64 -9.99
C HIS D 44 18.54 -8.59 -9.25
N LEU D 45 17.26 -8.52 -9.60
CA LEU D 45 16.41 -7.46 -9.07
C LEU D 45 16.12 -7.65 -7.58
N ALA D 46 15.79 -8.87 -7.21
CA ALA D 46 15.58 -9.20 -5.80
C ALA D 46 16.82 -8.84 -4.99
N ALA D 47 17.99 -9.13 -5.55
CA ALA D 47 19.23 -8.89 -4.81
C ALA D 47 19.52 -7.39 -4.66
N ALA D 48 19.27 -6.64 -5.72
CA ALA D 48 19.45 -5.18 -5.70
C ALA D 48 18.57 -4.48 -4.66
N ASN D 49 17.33 -4.95 -4.53
CA ASN D 49 16.34 -4.29 -3.69
C ASN D 49 16.22 -4.86 -2.29
N GLY D 50 17.13 -5.78 -1.96
CA GLY D 50 17.20 -6.36 -0.64
C GLY D 50 16.10 -7.33 -0.25
N GLN D 51 15.54 -8.03 -1.22
CA GLN D 51 14.42 -8.94 -0.95
C GLN D 51 14.94 -10.33 -0.60
N LEU D 52 15.31 -10.52 0.67
CA LEU D 52 16.01 -11.73 1.09
C LEU D 52 15.24 -13.03 0.87
N GLU D 53 13.97 -13.05 1.26
CA GLU D 53 13.19 -14.29 1.19
C GLU D 53 13.02 -14.72 -0.24
N ILE D 54 12.83 -13.75 -1.12
CA ILE D 54 12.70 -14.04 -2.54
C ILE D 54 14.01 -14.51 -3.17
N VAL D 55 15.14 -13.96 -2.73
CA VAL D 55 16.43 -14.44 -3.21
C VAL D 55 16.55 -15.94 -2.88
N GLU D 56 16.12 -16.29 -1.68
CA GLU D 56 16.25 -17.67 -1.23
C GLU D 56 15.34 -18.64 -1.99
N VAL D 57 14.11 -18.23 -2.28
CA VAL D 57 13.19 -19.13 -2.97
C VAL D 57 13.56 -19.23 -4.44
N LEU D 58 14.03 -18.14 -5.02
CA LEU D 58 14.54 -18.17 -6.38
C LEU D 58 15.66 -19.22 -6.52
N LEU D 59 16.63 -19.17 -5.62
CA LEU D 59 17.73 -20.15 -5.63
C LEU D 59 17.25 -21.59 -5.34
N LYS D 60 16.27 -21.73 -4.46
CA LYS D 60 15.67 -23.03 -4.17
C LYS D 60 15.13 -23.67 -5.45
N ASN D 61 14.70 -22.84 -6.39
CA ASN D 61 14.10 -23.35 -7.61
C ASN D 61 14.96 -23.19 -8.85
N GLY D 62 16.27 -23.08 -8.65
CA GLY D 62 17.22 -23.19 -9.74
C GLY D 62 17.71 -21.93 -10.44
N ALA D 63 17.44 -20.76 -9.85
CA ALA D 63 17.97 -19.52 -10.42
C ALA D 63 19.49 -19.61 -10.58
N ASP D 64 20.03 -19.04 -11.65
CA ASP D 64 21.48 -19.04 -11.86
C ASP D 64 22.14 -17.97 -11.01
N VAL D 65 22.85 -18.40 -9.96
CA VAL D 65 23.44 -17.48 -8.98
C VAL D 65 24.46 -16.55 -9.62
N ASN D 66 25.05 -16.99 -10.73
CA ASN D 66 26.08 -16.23 -11.42
C ASN D 66 25.61 -15.66 -12.76
N ALA D 67 24.30 -15.55 -12.94
CA ALA D 67 23.79 -14.91 -14.15
C ALA D 67 24.33 -13.49 -14.26
N SER D 68 24.69 -13.09 -15.47
CA SER D 68 25.17 -11.74 -15.70
C SER D 68 24.44 -11.05 -16.84
N ASP D 69 24.18 -9.76 -16.69
CA ASP D 69 23.51 -8.99 -17.72
C ASP D 69 24.51 -8.61 -18.83
N SER D 70 24.08 -7.75 -19.75
CA SER D 70 24.90 -7.43 -20.92
C SER D 70 26.09 -6.55 -20.57
N ALA D 71 26.10 -6.04 -19.33
CA ALA D 71 27.21 -5.23 -18.87
C ALA D 71 28.05 -5.97 -17.85
N GLY D 72 27.81 -7.28 -17.73
CA GLY D 72 28.55 -8.09 -16.77
C GLY D 72 28.13 -7.97 -15.31
N ILE D 73 26.98 -7.36 -15.05
CA ILE D 73 26.49 -7.20 -13.69
C ILE D 73 25.91 -8.51 -13.18
N THR D 74 26.39 -8.97 -12.02
CA THR D 74 25.82 -10.18 -11.42
C THR D 74 25.02 -9.82 -10.18
N PRO D 75 24.21 -10.77 -9.67
CA PRO D 75 23.48 -10.44 -8.44
C PRO D 75 24.39 -10.05 -7.28
N LEU D 76 25.58 -10.67 -7.19
CA LEU D 76 26.47 -10.37 -6.08
C LEU D 76 27.00 -8.92 -6.16
N HIS D 77 27.24 -8.42 -7.36
CA HIS D 77 27.63 -7.03 -7.57
C HIS D 77 26.58 -6.08 -6.99
N LEU D 78 25.33 -6.43 -7.24
CA LEU D 78 24.20 -5.61 -6.83
C LEU D 78 24.01 -5.65 -5.33
N ALA D 79 24.05 -6.84 -4.74
CA ALA D 79 23.86 -6.94 -3.29
C ALA D 79 24.97 -6.24 -2.53
N ALA D 80 26.19 -6.27 -3.09
CA ALA D 80 27.33 -5.59 -2.48
C ALA D 80 27.19 -4.07 -2.49
N TYR D 81 26.92 -3.51 -3.67
CA TYR D 81 26.82 -2.06 -3.76
C TYR D 81 25.64 -1.54 -2.93
N ASP D 82 24.55 -2.32 -2.87
CA ASP D 82 23.33 -1.87 -2.20
C ASP D 82 23.32 -2.18 -0.70
N GLY D 83 24.40 -2.81 -0.22
CA GLY D 83 24.58 -2.97 1.22
C GLY D 83 23.71 -4.01 1.89
N HIS D 84 23.37 -5.06 1.16
CA HIS D 84 22.54 -6.12 1.72
C HIS D 84 23.38 -7.33 2.16
N LEU D 85 23.83 -7.28 3.40
CA LEU D 85 24.76 -8.28 3.95
C LEU D 85 24.19 -9.69 3.98
N GLU D 86 22.94 -9.83 4.44
CA GLU D 86 22.32 -11.16 4.53
C GLU D 86 22.25 -11.84 3.16
N ILE D 87 21.95 -11.07 2.13
CA ILE D 87 21.86 -11.57 0.76
C ILE D 87 23.23 -11.88 0.18
N VAL D 88 24.24 -11.07 0.53
CA VAL D 88 25.58 -11.35 0.07
C VAL D 88 25.98 -12.75 0.56
N GLU D 89 25.68 -13.04 1.82
CA GLU D 89 26.08 -14.32 2.39
C GLU D 89 25.38 -15.48 1.69
N VAL D 90 24.09 -15.30 1.40
CA VAL D 90 23.28 -16.35 0.76
C VAL D 90 23.81 -16.66 -0.63
N LEU D 91 24.07 -15.62 -1.42
CA LEU D 91 24.64 -15.80 -2.74
C LEU D 91 25.94 -16.58 -2.67
N LEU D 92 26.84 -16.16 -1.78
CA LEU D 92 28.13 -16.83 -1.62
C LEU D 92 27.92 -18.28 -1.21
N LYS D 93 26.96 -18.51 -0.32
CA LYS D 93 26.64 -19.86 0.16
C LYS D 93 26.24 -20.73 -1.01
N HIS D 94 25.60 -20.14 -2.02
CA HIS D 94 25.14 -20.91 -3.16
C HIS D 94 26.09 -20.87 -4.35
N GLY D 95 27.31 -20.41 -4.15
CA GLY D 95 28.32 -20.48 -5.20
C GLY D 95 28.57 -19.22 -6.00
N ALA D 96 28.17 -18.07 -5.47
CA ALA D 96 28.41 -16.81 -6.15
C ALA D 96 29.90 -16.54 -6.32
N ASP D 97 30.27 -16.12 -7.53
CA ASP D 97 31.63 -15.86 -7.94
C ASP D 97 32.17 -14.56 -7.34
N VAL D 98 33.13 -14.65 -6.41
CA VAL D 98 33.70 -13.45 -5.80
C VAL D 98 34.55 -12.58 -6.73
N ASN D 99 35.22 -13.14 -7.74
CA ASN D 99 36.02 -12.29 -8.63
CA ASN D 99 36.03 -12.30 -8.63
C ASN D 99 35.44 -12.15 -10.03
N ALA D 100 34.12 -12.03 -10.11
CA ALA D 100 33.46 -11.73 -11.38
C ALA D 100 33.66 -10.25 -11.66
N TYR D 101 34.11 -9.91 -12.86
CA TYR D 101 34.35 -8.52 -13.21
C TYR D 101 33.22 -8.02 -14.09
N ASP D 102 32.80 -6.77 -13.89
CA ASP D 102 31.80 -6.15 -14.75
C ASP D 102 32.44 -5.30 -15.85
N ARG D 103 31.62 -4.49 -16.52
CA ARG D 103 32.04 -3.73 -17.70
C ARG D 103 33.17 -2.74 -17.42
N ALA D 104 33.13 -2.09 -16.25
CA ALA D 104 34.16 -1.13 -15.89
C ALA D 104 35.33 -1.81 -15.18
N GLY D 105 35.33 -3.14 -15.17
CA GLY D 105 36.38 -3.88 -14.48
C GLY D 105 36.19 -3.96 -12.97
N TRP D 106 34.96 -3.74 -12.50
CA TRP D 106 34.69 -3.86 -11.07
C TRP D 106 34.30 -5.26 -10.59
N THR D 107 34.94 -5.67 -9.50
CA THR D 107 34.58 -6.90 -8.83
C THR D 107 33.61 -6.52 -7.72
N PRO D 108 32.98 -7.51 -7.08
CA PRO D 108 32.13 -7.13 -5.95
C PRO D 108 32.89 -6.38 -4.84
N LEU D 109 34.20 -6.58 -4.71
CA LEU D 109 34.96 -5.86 -3.68
C LEU D 109 35.08 -4.36 -4.01
N HIS D 110 35.29 -4.01 -5.27
CA HIS D 110 35.27 -2.60 -5.67
C HIS D 110 33.92 -1.96 -5.31
N LEU D 111 32.84 -2.69 -5.54
CA LEU D 111 31.50 -2.13 -5.38
C LEU D 111 31.17 -1.89 -3.92
N ALA D 112 31.56 -2.85 -3.09
CA ALA D 112 31.45 -2.73 -1.64
C ALA D 112 32.25 -1.52 -1.15
N ALA D 113 33.47 -1.37 -1.67
CA ALA D 113 34.28 -0.21 -1.30
C ALA D 113 33.65 1.13 -1.74
N LEU D 114 33.06 1.14 -2.93
CA LEU D 114 32.44 2.36 -3.45
C LEU D 114 31.34 2.93 -2.54
N SER D 115 30.56 2.06 -1.91
CA SER D 115 29.52 2.56 -1.02
C SER D 115 29.86 2.41 0.46
N GLY D 116 31.14 2.19 0.75
CA GLY D 116 31.64 2.10 2.11
C GLY D 116 31.09 0.99 3.00
N GLN D 117 30.95 -0.23 2.46
CA GLN D 117 30.40 -1.33 3.26
C GLN D 117 31.45 -2.20 3.93
N LEU D 118 31.74 -1.83 5.18
CA LEU D 118 32.75 -2.49 6.00
C LEU D 118 32.45 -3.96 6.19
N GLU D 119 31.22 -4.28 6.62
CA GLU D 119 30.89 -5.67 6.95
C GLU D 119 30.88 -6.58 5.72
N ILE D 120 30.44 -6.03 4.60
CA ILE D 120 30.44 -6.76 3.34
C ILE D 120 31.85 -6.97 2.80
N VAL D 121 32.66 -5.92 2.83
CA VAL D 121 34.07 -6.06 2.46
C VAL D 121 34.69 -7.22 3.23
N GLU D 122 34.39 -7.30 4.53
CA GLU D 122 34.97 -8.34 5.38
C GLU D 122 34.56 -9.75 4.94
N VAL D 123 33.29 -9.93 4.64
CA VAL D 123 32.82 -11.22 4.18
C VAL D 123 33.43 -11.63 2.83
N LEU D 124 33.53 -10.69 1.89
CA LEU D 124 34.11 -10.98 0.58
C LEU D 124 35.58 -11.41 0.69
N LEU D 125 36.36 -10.68 1.49
CA LEU D 125 37.75 -11.06 1.72
C LEU D 125 37.87 -12.46 2.33
N LYS D 126 36.99 -12.77 3.28
CA LYS D 126 36.99 -14.10 3.90
C LYS D 126 36.66 -15.18 2.87
N HIS D 127 35.94 -14.82 1.82
CA HIS D 127 35.59 -15.78 0.77
C HIS D 127 36.52 -15.73 -0.44
N GLY D 128 37.66 -15.08 -0.29
CA GLY D 128 38.71 -15.15 -1.30
C GLY D 128 38.72 -14.06 -2.36
N ALA D 129 38.03 -12.95 -2.09
CA ALA D 129 38.09 -11.81 -3.01
C ALA D 129 39.53 -11.35 -3.15
N ASP D 130 39.91 -10.99 -4.38
CA ASP D 130 41.25 -10.56 -4.71
C ASP D 130 41.46 -9.08 -4.36
N VAL D 131 42.19 -8.86 -3.27
CA VAL D 131 42.45 -7.52 -2.80
C VAL D 131 43.30 -6.73 -3.80
N ASN D 132 43.95 -7.45 -4.72
CA ASN D 132 44.82 -6.83 -5.71
C ASN D 132 44.20 -6.66 -7.09
N ALA D 133 42.91 -6.97 -7.24
CA ALA D 133 42.24 -6.81 -8.53
C ALA D 133 42.19 -5.33 -8.91
N GLN D 134 42.33 -5.03 -10.20
CA GLN D 134 42.29 -3.63 -10.65
C GLN D 134 41.17 -3.39 -11.65
N ASP D 135 40.54 -2.22 -11.59
CA ASP D 135 39.46 -1.91 -12.52
C ASP D 135 40.00 -1.28 -13.81
N ALA D 136 39.09 -0.76 -14.62
CA ALA D 136 39.50 -0.28 -15.95
C ALA D 136 40.43 0.92 -15.83
N LEU D 137 40.42 1.58 -14.68
CA LEU D 137 41.32 2.71 -14.46
C LEU D 137 42.54 2.31 -13.65
N GLY D 138 42.69 1.01 -13.40
CA GLY D 138 43.86 0.53 -12.66
C GLY D 138 43.73 0.60 -11.15
N LEU D 139 42.57 1.04 -10.65
CA LEU D 139 42.33 1.12 -9.21
C LEU D 139 41.97 -0.21 -8.54
N THR D 140 42.46 -0.39 -7.33
CA THR D 140 42.04 -1.48 -6.46
C THR D 140 40.92 -0.96 -5.56
N ALA D 141 40.27 -1.86 -4.82
CA ALA D 141 39.28 -1.43 -3.84
C ALA D 141 39.92 -0.50 -2.82
N PHE D 142 41.16 -0.78 -2.46
CA PHE D 142 41.91 0.06 -1.52
C PHE D 142 41.99 1.50 -1.99
N ASP D 143 42.38 1.68 -3.26
CA ASP D 143 42.44 3.01 -3.88
C ASP D 143 41.12 3.76 -3.80
N ILE D 144 40.02 3.03 -4.00
CA ILE D 144 38.69 3.62 -3.97
C ILE D 144 38.38 4.18 -2.59
N SER D 145 38.63 3.39 -1.54
CA SER D 145 38.41 3.86 -0.19
C SER D 145 39.24 5.10 0.14
N ILE D 146 40.50 5.10 -0.30
CA ILE D 146 41.39 6.23 -0.09
C ILE D 146 40.86 7.49 -0.76
N ASN D 147 40.49 7.37 -2.03
CA ASN D 147 39.93 8.50 -2.76
C ASN D 147 38.74 9.12 -2.02
N GLN D 148 37.94 8.28 -1.39
CA GLN D 148 36.72 8.75 -0.73
C GLN D 148 36.94 9.16 0.71
N GLY D 149 38.20 9.15 1.14
CA GLY D 149 38.54 9.52 2.50
C GLY D 149 38.06 8.53 3.54
N GLN D 150 37.87 7.28 3.13
CA GLN D 150 37.48 6.23 4.08
C GLN D 150 38.68 5.41 4.54
N GLU D 151 39.53 6.06 5.32
CA GLU D 151 40.83 5.51 5.70
C GLU D 151 40.74 4.22 6.51
N ASP D 152 39.66 4.05 7.26
CA ASP D 152 39.53 2.86 8.09
C ASP D 152 39.17 1.63 7.24
N LEU D 153 38.37 1.83 6.21
CA LEU D 153 38.06 0.74 5.29
C LEU D 153 39.29 0.42 4.44
N ALA D 154 40.01 1.47 4.04
CA ALA D 154 41.21 1.29 3.25
C ALA D 154 42.19 0.36 3.99
N GLU D 155 42.38 0.58 5.28
CA GLU D 155 43.32 -0.21 6.05
C GLU D 155 42.97 -1.70 6.02
N ILE D 156 41.68 -1.99 6.05
CA ILE D 156 41.20 -3.35 5.96
C ILE D 156 41.44 -3.96 4.58
N LEU D 157 41.55 -3.09 3.57
CA LEU D 157 41.65 -3.49 2.16
C LEU D 157 43.07 -3.49 1.58
N GLN D 158 44.08 -3.26 2.41
CA GLN D 158 45.47 -3.12 1.93
C GLN D 158 45.93 -4.31 1.10
C1 CMS E . -19.99 0.00 34.89
C2 CMS E . -21.25 -1.85 35.95
C3 CMS E . -21.50 0.39 36.84
C4 CMS E . -22.06 1.73 36.55
N1 CMS E . -19.13 -0.90 34.47
N3 CMS E . -21.04 -0.44 35.78
O1 CMS E . -22.08 2.57 37.44
O2 CMS E . -22.82 1.91 35.43
O3 CMS E . -20.07 1.06 34.28
N1A COA F . -8.68 -5.77 10.05
C2A COA F . -8.24 -5.68 11.37
N3A COA F . -8.08 -4.41 11.96
C4A COA F . -8.35 -3.31 11.25
C5A COA F . -8.78 -3.39 9.96
C6A COA F . -8.94 -4.69 9.37
N6A COA F . -9.41 -4.77 8.00
N7A COA F . -8.98 -2.12 9.49
C8A COA F . -8.70 -1.28 10.45
N9A COA F . -8.27 -2.02 11.56
C1B COA F . -7.94 -1.51 12.87
C2B COA F . -6.99 -0.31 13.02
O2B COA F . -5.72 -0.22 12.51
C3B COA F . -7.50 0.36 14.29
O3B COA F . -6.80 0.63 15.43
P3B COA F . -5.61 1.65 15.53
O7A COA F . -4.73 1.21 16.67
O8A COA F . -4.83 1.69 14.19
O9A COA F . -6.26 3.02 15.83
C4B COA F . -8.96 -0.01 14.23
O4B COA F . -8.89 -1.42 13.97
C5B COA F . -10.07 0.88 13.77
O5B COA F . -9.99 1.01 12.38
P1A COA F . -11.17 1.71 11.63
O1A COA F . -12.42 0.82 11.72
O2A COA F . -10.80 1.91 10.16
O3A COA F . -11.31 3.13 12.31
P2A COA F . -12.67 3.79 12.78
O4A COA F . -12.36 5.15 13.51
O5A COA F . -13.57 4.00 11.62
O6A COA F . -13.30 2.78 13.81
CBP COA F . -14.65 2.04 15.63
CCP COA F . -14.32 3.16 14.68
CDP COA F . -15.36 0.94 14.90
CEP COA F . -13.37 1.49 16.16
CAP COA F . -15.55 2.57 16.72
OAP COA F . -16.71 3.09 16.21
C9P COA F . -15.82 1.58 17.85
O9P COA F . -14.97 1.29 18.67
N8P COA F . -17.09 0.84 17.80
C7P COA F . -17.48 -0.04 18.90
C6P COA F . -17.70 0.71 20.21
C5P COA F . -18.19 -0.12 21.35
O5P COA F . -18.94 -1.07 21.18
N4P COA F . -17.92 0.39 22.66
C3P COA F . -18.67 -0.16 23.78
C2P COA F . -17.89 -0.87 24.83
S1P COA F . -18.83 -1.29 26.28
N1A COA G . 12.35 2.09 -18.96
C2A COA G . 11.21 2.76 -18.55
N3A COA G . 10.42 2.24 -17.50
C4A COA G . 10.78 1.10 -16.90
C5A COA G . 11.91 0.44 -17.30
C6A COA G . 12.71 0.98 -18.37
N6A COA G . 13.89 0.28 -18.80
N7A COA G . 12.04 -0.68 -16.52
C8A COA G . 11.02 -0.72 -15.68
N9A COA G . 10.22 0.41 -15.93
C1B COA G . 9.07 0.84 -15.15
C2B COA G . 7.88 -0.11 -14.89
O2B COA G . 7.07 -0.71 -15.81
C3B COA G . 7.44 0.33 -13.51
O3B COA G . 6.17 0.76 -13.19
P3B COA G . 4.93 -0.18 -13.11
O7A COA G . 3.75 0.73 -13.28
O8A COA G . 4.98 -1.24 -14.24
O9A COA G . 4.91 -0.88 -11.71
C4B COA G . 8.71 0.86 -12.91
O4B COA G . 9.19 1.70 -13.98
C5B COA G . 9.59 0.19 -11.89
O5B COA G . 10.41 -0.72 -12.57
P1A COA G . 11.57 -1.46 -11.84
O1A COA G . 12.79 -0.51 -11.63
O2A COA G . 11.93 -2.65 -12.68
O3A COA G . 11.00 -2.00 -10.46
P2A COA G . 11.51 -1.69 -9.02
O4A COA G . 10.51 -2.35 -8.01
O5A COA G . 12.86 -2.32 -8.82
O6A COA G . 11.54 -0.09 -8.75
CBP COA G . 12.40 1.82 -7.23
CCP COA G . 11.76 0.43 -7.44
CDP COA G . 12.78 2.07 -5.78
CEP COA G . 13.55 2.01 -8.15
CAP COA G . 11.50 2.92 -7.68
OAP COA G . 10.38 2.46 -8.37
C9P COA G . 11.35 4.05 -6.64
O9P COA G . 10.27 4.60 -6.54
N8P COA G . 12.58 4.69 -6.10
C7P COA G . 12.69 6.12 -5.75
C6P COA G . 11.95 6.61 -4.50
C5P COA G . 11.91 8.12 -4.34
O5P COA G . 12.86 8.81 -4.65
N4P COA G . 10.86 8.66 -3.52
C3P COA G . 10.69 10.09 -3.45
C2P COA G . 11.01 10.76 -2.14
S1P COA G . 10.55 12.47 -2.02
#